data_5UJ3
#
_entry.id   5UJ3
#
_cell.length_a   56.930
_cell.length_b   58.780
_cell.length_c   76.840
_cell.angle_alpha   90.000
_cell.angle_beta   90.000
_cell.angle_gamma   90.000
#
_symmetry.space_group_name_H-M   'P 2 21 21'
#
loop_
_entity.id
_entity.type
_entity.pdbx_description
1 polymer 'Carbapenem-hydrolyzing beta-lactamase KPC'
2 non-polymer '(2R)-2-[(R)-{[(2Z)-2-(2-amino-1,3-thiazol-4-yl)-2-(methoxyimino)acetyl]amino}(carboxy)methyl]-5-methylidene-5,6-dihydro -2H-1,3-thiazine-4-carboxylic acid'
3 non-polymer GLYCEROL
4 water water
#
_entity_poly.entity_id   1
_entity_poly.type   'polypeptide(L)'
_entity_poly.pdbx_seq_one_letter_code
;MGSSHHHHHHSSGLVPRGSHMLTNLVAEPFAKLEQDFGGSIGVYAMDTGSGATVSYRAEERFPLCSSFKGFLAAAVLARS
QQQAGLLDTPIRYGKNALVPWSPISEKYLTTGMTVAELSAAAVQYSDNAAANLLLKELGGPAGLTAFMRSIGDTTFRLDR
WELELNSAIPGDARDTSSPRAVTESLQKLTLGSALAAPQRQQFVDWLKGNTTGNHRIRAAVPADWAVGDKTGTCGVYGTA
NDYAVVWPTGRAPIVLAVYTRAPNKDDKHSEAVIAAAARLALEGLGVNGQ
;
_entity_poly.pdbx_strand_id   A
#
loop_
_chem_comp.id
_chem_comp.type
_chem_comp.name
_chem_comp.formula
CE4 non-polymer '(2R)-2-[(R)-{[(2Z)-2-(2-amino-1,3-thiazol-4-yl)-2-(methoxyimino)acetyl]amino}(carboxy)methyl]-5-methylidene-5,6-dihydro -2H-1,3-thiazine-4-carboxylic acid' 'C14 H15 N5 O6 S2'
GOL non-polymer GLYCEROL 'C3 H8 O3'
#
# COMPACT_ATOMS: atom_id res chain seq x y z
N HIS A 20 -0.31 -24.00 6.87
CA HIS A 20 -1.19 -23.94 8.04
C HIS A 20 -0.39 -23.95 9.36
N MET A 21 0.76 -24.62 9.38
CA MET A 21 1.51 -24.73 10.62
C MET A 21 2.31 -23.46 10.91
N LEU A 22 2.81 -22.78 9.87
CA LEU A 22 3.53 -21.54 10.09
C LEU A 22 2.64 -20.50 10.75
N THR A 23 1.40 -20.39 10.29
CA THR A 23 0.45 -19.48 10.93
C THR A 23 0.30 -19.82 12.42
N ASN A 24 0.26 -21.11 12.75
CA ASN A 24 0.10 -21.50 14.14
C ASN A 24 1.31 -21.13 14.98
N LEU A 25 2.51 -21.14 14.39
CA LEU A 25 3.72 -20.84 15.14
C LEU A 25 3.66 -19.45 15.76
N VAL A 26 3.08 -18.49 15.06
CA VAL A 26 3.14 -17.10 15.48
C VAL A 26 1.80 -16.59 15.98
N ALA A 27 0.80 -17.47 16.12
CA ALA A 27 -0.56 -17.04 16.48
C ALA A 27 -0.56 -16.36 17.84
N GLU A 28 0.07 -16.97 18.83
N GLU A 28 0.05 -17.00 18.84
CA GLU A 28 0.11 -16.39 20.17
CA GLU A 28 0.11 -16.40 20.18
C GLU A 28 0.95 -15.11 20.24
C GLU A 28 0.93 -15.12 20.20
N PRO A 29 2.14 -15.07 19.62
CA PRO A 29 2.85 -13.77 19.57
C PRO A 29 2.08 -12.66 18.86
N PHE A 30 1.34 -12.99 17.80
CA PHE A 30 0.52 -11.96 17.16
C PHE A 30 -0.59 -11.48 18.09
N ALA A 31 -1.24 -12.41 18.81
CA ALA A 31 -2.29 -12.01 19.73
C ALA A 31 -1.76 -11.11 20.83
N LYS A 32 -0.54 -11.37 21.30
CA LYS A 32 0.05 -10.53 22.34
C LYS A 32 0.41 -9.15 21.80
N LEU A 33 0.91 -9.10 20.56
CA LEU A 33 1.27 -7.81 19.98
C LEU A 33 0.03 -6.94 19.81
N GLU A 34 -1.08 -7.53 19.37
CA GLU A 34 -2.27 -6.71 19.16
C GLU A 34 -2.96 -6.36 20.47
N GLN A 35 -2.90 -7.26 21.46
CA GLN A 35 -3.36 -6.90 22.80
C GLN A 35 -2.60 -5.70 23.35
N ASP A 36 -1.27 -5.71 23.23
CA ASP A 36 -0.46 -4.59 23.72
C ASP A 36 -0.75 -3.32 22.95
N PHE A 37 -0.95 -3.44 21.63
CA PHE A 37 -1.27 -2.28 20.80
C PHE A 37 -2.64 -1.71 21.15
N GLY A 38 -3.57 -2.55 21.60
CA GLY A 38 -4.90 -2.10 21.92
C GLY A 38 -5.84 -2.03 20.74
N GLY A 39 -5.60 -2.81 19.71
CA GLY A 39 -6.42 -2.77 18.51
C GLY A 39 -6.36 -4.09 17.80
N SER A 40 -6.46 -4.02 16.48
CA SER A 40 -6.47 -5.18 15.62
C SER A 40 -5.33 -5.08 14.62
N ILE A 41 -4.63 -6.19 14.41
CA ILE A 41 -3.53 -6.27 13.46
C ILE A 41 -3.86 -7.36 12.46
N GLY A 42 -3.75 -7.05 11.17
CA GLY A 42 -3.91 -8.02 10.12
C GLY A 42 -2.65 -8.17 9.32
N VAL A 43 -2.19 -9.40 9.13
CA VAL A 43 -0.91 -9.68 8.49
C VAL A 43 -1.09 -10.83 7.51
N TYR A 44 -0.53 -10.69 6.31
CA TYR A 44 -0.36 -11.80 5.40
C TYR A 44 1.03 -11.68 4.83
N ALA A 45 1.75 -12.79 4.79
CA ALA A 45 3.09 -12.79 4.22
C ALA A 45 3.26 -14.07 3.42
N MET A 46 3.89 -13.96 2.26
CA MET A 46 4.10 -15.12 1.40
C MET A 46 5.55 -15.16 0.95
N ASP A 47 6.19 -16.32 1.14
CA ASP A 47 7.51 -16.57 0.58
C ASP A 47 7.28 -17.08 -0.84
N THR A 48 7.65 -16.27 -1.83
CA THR A 48 7.42 -16.67 -3.21
C THR A 48 8.32 -17.81 -3.65
N GLY A 49 9.35 -18.13 -2.87
CA GLY A 49 10.20 -19.27 -3.19
C GLY A 49 9.54 -20.59 -2.86
N SER A 50 9.14 -20.75 -1.60
CA SER A 50 8.54 -22.01 -1.16
C SER A 50 7.03 -22.02 -1.27
N GLY A 51 6.39 -20.87 -1.37
CA GLY A 51 4.95 -20.80 -1.28
C GLY A 51 4.41 -20.77 0.13
N ALA A 52 5.28 -20.79 1.14
CA ALA A 52 4.83 -20.71 2.52
C ALA A 52 4.14 -19.38 2.77
N THR A 53 3.11 -19.41 3.63
CA THR A 53 2.42 -18.20 4.01
C THR A 53 2.20 -18.17 5.52
N VAL A 54 2.03 -16.96 6.03
CA VAL A 54 1.66 -16.70 7.42
C VAL A 54 0.47 -15.75 7.37
N SER A 55 -0.58 -16.08 8.12
CA SER A 55 -1.81 -15.29 8.15
C SER A 55 -2.19 -14.99 9.59
N TYR A 56 -2.61 -13.76 9.83
CA TYR A 56 -3.27 -13.41 11.09
C TYR A 56 -4.28 -12.33 10.73
N ARG A 57 -5.57 -12.64 10.85
CA ARG A 57 -6.65 -11.74 10.42
C ARG A 57 -6.44 -11.27 8.99
N ALA A 58 -5.88 -12.16 8.15
CA ALA A 58 -5.48 -11.77 6.81
C ALA A 58 -6.66 -11.56 5.87
N GLU A 59 -7.83 -12.09 6.19
CA GLU A 59 -9.01 -11.95 5.33
C GLU A 59 -10.02 -10.95 5.87
N GLU A 60 -9.69 -10.28 6.96
CA GLU A 60 -10.54 -9.23 7.51
C GLU A 60 -10.26 -7.92 6.79
N ARG A 61 -11.29 -7.07 6.70
CA ARG A 61 -11.14 -5.78 6.05
C ARG A 61 -10.51 -4.76 7.00
N PHE A 62 -9.55 -4.00 6.49
CA PHE A 62 -8.93 -2.87 7.15
C PHE A 62 -8.95 -1.68 6.19
N PRO A 63 -9.04 -0.46 6.71
CA PRO A 63 -8.97 0.72 5.83
C PRO A 63 -7.67 0.77 5.06
N LEU A 64 -7.77 1.10 3.77
CA LEU A 64 -6.58 1.25 2.94
C LEU A 64 -5.78 2.48 3.32
N CYS A 65 -6.45 3.55 3.72
CA CYS A 65 -5.80 4.84 3.87
C CYS A 65 -4.94 5.16 2.66
N SER A 66 -3.76 5.73 2.90
CA SER A 66 -2.86 6.15 1.83
C SER A 66 -2.38 4.99 0.97
N SER A 67 -2.52 3.74 1.43
CA SER A 67 -1.89 2.63 0.71
C SER A 67 -2.55 2.34 -0.63
N PHE A 68 -3.78 2.82 -0.86
CA PHE A 68 -4.36 2.64 -2.19
C PHE A 68 -3.53 3.31 -3.26
N LYS A 69 -2.70 4.29 -2.90
CA LYS A 69 -1.96 5.06 -3.91
C LYS A 69 -0.96 4.20 -4.65
N GLY A 70 -0.43 3.15 -4.03
CA GLY A 70 0.43 2.24 -4.78
C GLY A 70 -0.31 1.55 -5.90
N PHE A 71 -1.49 1.01 -5.60
CA PHE A 71 -2.30 0.37 -6.64
C PHE A 71 -2.78 1.39 -7.67
N LEU A 72 -2.99 2.64 -7.25
CA LEU A 72 -3.35 3.70 -8.19
C LEU A 72 -2.27 3.88 -9.24
N ALA A 73 -1.00 3.93 -8.80
CA ALA A 73 0.09 4.08 -9.76
C ALA A 73 0.19 2.85 -10.66
N ALA A 74 -0.07 1.66 -10.12
CA ALA A 74 -0.04 0.47 -10.95
C ALA A 74 -1.11 0.52 -12.02
N ALA A 75 -2.30 1.03 -11.68
CA ALA A 75 -3.38 1.14 -12.66
C ALA A 75 -2.99 2.12 -13.76
N VAL A 76 -2.35 3.22 -13.39
CA VAL A 76 -1.84 4.18 -14.37
C VAL A 76 -0.86 3.49 -15.30
N LEU A 77 0.09 2.73 -14.73
CA LEU A 77 1.05 2.03 -15.57
C LEU A 77 0.34 1.05 -16.52
N ALA A 78 -0.68 0.35 -16.02
CA ALA A 78 -1.41 -0.59 -16.89
C ALA A 78 -1.99 0.14 -18.10
N ARG A 79 -2.62 1.30 -17.87
N ARG A 79 -2.62 1.30 -17.87
CA ARG A 79 -3.17 2.06 -18.98
CA ARG A 79 -3.17 2.07 -18.98
C ARG A 79 -2.07 2.53 -19.92
C ARG A 79 -2.07 2.53 -19.92
N SER A 80 -0.90 2.87 -19.37
CA SER A 80 0.20 3.36 -20.20
C SER A 80 0.76 2.29 -21.14
N GLN A 81 0.42 1.02 -20.90
CA GLN A 81 0.84 -0.03 -21.83
C GLN A 81 0.22 0.18 -23.20
N GLN A 82 -1.02 0.66 -23.25
CA GLN A 82 -1.72 0.92 -24.49
C GLN A 82 -1.61 2.37 -24.96
N GLN A 83 -1.43 3.30 -24.03
CA GLN A 83 -1.32 4.72 -24.34
C GLN A 83 0.14 5.15 -24.10
N ALA A 84 0.93 5.13 -25.17
CA ALA A 84 2.37 5.36 -25.06
C ALA A 84 2.72 6.76 -24.60
N GLY A 85 1.82 7.72 -24.78
CA GLY A 85 2.08 9.07 -24.34
C GLY A 85 1.56 9.42 -22.96
N LEU A 86 0.97 8.47 -22.24
CA LEU A 86 0.27 8.81 -21.01
C LEU A 86 1.23 9.32 -19.95
N LEU A 87 2.32 8.60 -19.70
CA LEU A 87 3.19 8.92 -18.57
C LEU A 87 3.80 10.32 -18.69
N ASP A 88 4.14 10.74 -19.91
CA ASP A 88 4.76 12.03 -20.09
C ASP A 88 3.77 13.14 -20.40
N THR A 89 2.48 12.88 -20.24
CA THR A 89 1.44 13.90 -20.45
C THR A 89 1.51 14.93 -19.32
N PRO A 90 1.65 16.21 -19.62
CA PRO A 90 1.65 17.21 -18.54
C PRO A 90 0.25 17.49 -18.05
N ILE A 91 0.11 17.58 -16.73
CA ILE A 91 -1.15 17.86 -16.06
C ILE A 91 -1.01 19.18 -15.34
N ARG A 92 -1.79 20.18 -15.74
CA ARG A 92 -1.85 21.44 -15.04
C ARG A 92 -3.06 21.46 -14.12
N TYR A 93 -2.91 22.16 -13.00
CA TYR A 93 -3.94 22.18 -11.98
C TYR A 93 -3.92 23.52 -11.26
N GLY A 94 -5.07 23.88 -10.70
CA GLY A 94 -5.20 25.10 -9.94
C GLY A 94 -5.02 24.87 -8.45
N LYS A 95 -5.05 25.99 -7.72
CA LYS A 95 -4.92 25.93 -6.27
C LYS A 95 -6.01 25.08 -5.65
N ASN A 96 -7.21 25.06 -6.25
CA ASN A 96 -8.29 24.24 -5.70
C ASN A 96 -7.97 22.75 -5.71
N ALA A 97 -7.01 22.31 -6.54
CA ALA A 97 -6.64 20.90 -6.54
C ALA A 97 -5.80 20.51 -5.32
N LEU A 98 -5.16 21.48 -4.68
CA LEU A 98 -4.28 21.20 -3.55
C LEU A 98 -5.09 20.92 -2.30
N VAL A 99 -4.99 19.70 -1.79
CA VAL A 99 -5.67 19.33 -0.56
C VAL A 99 -4.59 19.08 0.49
N PRO A 100 -4.94 18.92 1.76
CA PRO A 100 -3.90 18.71 2.78
C PRO A 100 -2.97 17.56 2.44
N TRP A 101 -1.70 17.76 2.77
CA TRP A 101 -0.60 16.83 2.49
C TRP A 101 -0.42 16.59 0.98
N SER A 102 0.05 17.65 0.33
CA SER A 102 0.47 17.60 -1.07
C SER A 102 1.88 18.17 -1.18
N PRO A 103 2.86 17.51 -0.55
CA PRO A 103 4.18 18.14 -0.41
C PRO A 103 4.93 18.31 -1.73
N ILE A 104 4.65 17.47 -2.72
CA ILE A 104 5.30 17.59 -4.03
C ILE A 104 4.50 18.50 -4.95
N SER A 105 3.19 18.23 -5.06
N SER A 105 3.21 18.20 -5.12
CA SER A 105 2.33 19.01 -5.94
CA SER A 105 2.41 18.90 -6.13
C SER A 105 2.31 20.49 -5.59
C SER A 105 2.30 20.39 -5.84
N GLU A 106 2.44 20.83 -4.31
N GLU A 106 2.37 20.80 -4.57
CA GLU A 106 2.48 22.24 -3.92
CA GLU A 106 2.34 22.23 -4.29
C GLU A 106 3.66 22.98 -4.54
C GLU A 106 3.57 22.95 -4.84
N LYS A 107 4.71 22.26 -4.93
CA LYS A 107 5.91 22.88 -5.50
C LYS A 107 5.84 23.06 -7.00
N TYR A 108 4.87 22.45 -7.68
CA TYR A 108 4.71 22.57 -9.13
C TYR A 108 3.35 23.15 -9.49
N LEU A 109 2.70 23.82 -8.55
CA LEU A 109 1.40 24.44 -8.82
C LEU A 109 1.46 25.36 -10.03
N THR A 110 2.52 26.16 -10.12
CA THR A 110 2.64 27.15 -11.18
C THR A 110 3.16 26.57 -12.49
N THR A 111 3.55 25.29 -12.53
CA THR A 111 4.14 24.68 -13.73
C THR A 111 3.38 23.46 -14.24
N GLY A 112 2.70 22.73 -13.37
CA GLY A 112 2.15 21.43 -13.73
C GLY A 112 3.19 20.33 -13.53
N MET A 113 2.72 19.09 -13.66
CA MET A 113 3.59 17.91 -13.56
C MET A 113 3.11 16.85 -14.54
N THR A 114 3.99 15.91 -14.87
CA THR A 114 3.54 14.83 -15.75
C THR A 114 2.81 13.76 -14.95
N VAL A 115 2.04 12.95 -15.69
CA VAL A 115 1.34 11.81 -15.08
C VAL A 115 2.32 10.92 -14.32
N ALA A 116 3.50 10.66 -14.91
CA ALA A 116 4.51 9.84 -14.24
C ALA A 116 5.01 10.50 -12.97
N GLU A 117 5.22 11.82 -13.00
CA GLU A 117 5.68 12.51 -11.79
C GLU A 117 4.59 12.51 -10.72
N LEU A 118 3.33 12.71 -11.13
CA LEU A 118 2.25 12.61 -10.17
C LEU A 118 2.18 11.22 -9.55
N SER A 119 2.40 10.18 -10.36
CA SER A 119 2.35 8.81 -9.83
C SER A 119 3.47 8.58 -8.84
N ALA A 120 4.70 8.98 -9.19
CA ALA A 120 5.81 8.82 -8.25
C ALA A 120 5.57 9.61 -6.97
N ALA A 121 4.95 10.79 -7.08
CA ALA A 121 4.65 11.58 -5.90
C ALA A 121 3.60 10.91 -5.03
N ALA A 122 2.56 10.33 -5.65
CA ALA A 122 1.56 9.61 -4.88
C ALA A 122 2.17 8.41 -4.17
N VAL A 123 3.07 7.69 -4.83
CA VAL A 123 3.67 6.49 -4.23
C VAL A 123 4.68 6.85 -3.16
N GLN A 124 5.61 7.78 -3.48
CA GLN A 124 6.80 7.97 -2.66
C GLN A 124 6.65 9.05 -1.60
N TYR A 125 5.66 9.92 -1.72
CA TYR A 125 5.38 10.94 -0.74
C TYR A 125 3.92 10.96 -0.28
N SER A 126 3.08 10.02 -0.76
N SER A 126 3.08 10.02 -0.76
CA SER A 126 1.66 9.99 -0.42
CA SER A 126 1.66 9.98 -0.43
C SER A 126 0.94 11.27 -0.80
C SER A 126 0.95 11.28 -0.79
N ASP A 127 1.38 11.91 -1.88
CA ASP A 127 0.87 13.22 -2.26
C ASP A 127 -0.62 13.14 -2.60
N ASN A 128 -1.44 13.93 -1.89
CA ASN A 128 -2.89 13.80 -2.00
C ASN A 128 -3.45 14.48 -3.24
N ALA A 129 -2.98 15.70 -3.56
CA ALA A 129 -3.40 16.32 -4.81
C ALA A 129 -3.05 15.43 -6.00
N ALA A 130 -1.84 14.87 -6.00
CA ALA A 130 -1.45 13.95 -7.06
C ALA A 130 -2.41 12.77 -7.13
N ALA A 131 -2.76 12.18 -5.98
CA ALA A 131 -3.63 11.02 -5.98
C ALA A 131 -5.00 11.35 -6.55
N ASN A 132 -5.60 12.49 -6.18
CA ASN A 132 -6.90 12.83 -6.74
C ASN A 132 -6.83 13.12 -8.23
N LEU A 133 -5.78 13.78 -8.69
CA LEU A 133 -5.65 14.04 -10.13
C LEU A 133 -5.54 12.73 -10.91
N LEU A 134 -4.80 11.75 -10.36
CA LEU A 134 -4.71 10.46 -11.03
C LEU A 134 -6.01 9.69 -10.98
N LEU A 135 -6.72 9.73 -9.83
CA LEU A 135 -8.04 9.12 -9.74
C LEU A 135 -8.97 9.67 -10.82
N LYS A 136 -8.91 10.99 -11.05
CA LYS A 136 -9.72 11.59 -12.11
C LYS A 136 -9.38 10.98 -13.46
N GLU A 137 -8.10 10.81 -13.75
N GLU A 137 -8.09 10.83 -13.76
CA GLU A 137 -7.69 10.26 -15.04
CA GLU A 137 -7.72 10.26 -15.06
C GLU A 137 -8.16 8.82 -15.22
C GLU A 137 -8.28 8.85 -15.21
N LEU A 138 -8.33 8.08 -14.12
CA LEU A 138 -8.77 6.69 -14.18
C LEU A 138 -10.28 6.52 -14.11
N GLY A 139 -11.02 7.59 -13.92
CA GLY A 139 -12.46 7.48 -13.77
C GLY A 139 -12.92 7.36 -12.34
N GLY A 140 -12.11 7.80 -11.38
CA GLY A 140 -12.53 7.87 -10.00
C GLY A 140 -12.34 6.56 -9.25
N PRO A 141 -12.83 6.53 -8.00
CA PRO A 141 -12.70 5.31 -7.19
C PRO A 141 -13.23 4.05 -7.86
N ALA A 142 -14.31 4.15 -8.64
CA ALA A 142 -14.79 2.96 -9.35
C ALA A 142 -13.82 2.52 -10.43
N GLY A 143 -13.10 3.45 -11.05
CA GLY A 143 -12.14 3.07 -12.06
C GLY A 143 -10.95 2.33 -11.48
N LEU A 144 -10.47 2.75 -10.32
CA LEU A 144 -9.40 2.00 -9.68
C LEU A 144 -9.90 0.64 -9.22
N THR A 145 -11.10 0.60 -8.64
CA THR A 145 -11.68 -0.68 -8.25
C THR A 145 -11.78 -1.61 -9.45
N ALA A 146 -12.20 -1.05 -10.60
CA ALA A 146 -12.30 -1.86 -11.81
C ALA A 146 -10.95 -2.44 -12.21
N PHE A 147 -9.87 -1.66 -12.09
CA PHE A 147 -8.56 -2.20 -12.40
C PHE A 147 -8.22 -3.37 -11.49
N MET A 148 -8.48 -3.22 -10.19
CA MET A 148 -8.17 -4.30 -9.27
C MET A 148 -8.98 -5.56 -9.59
N ARG A 149 -10.26 -5.39 -9.97
CA ARG A 149 -11.03 -6.55 -10.42
C ARG A 149 -10.39 -7.20 -11.63
N SER A 150 -9.83 -6.40 -12.54
CA SER A 150 -9.27 -6.94 -13.77
C SER A 150 -8.05 -7.83 -13.54
N ILE A 151 -7.38 -7.69 -12.39
CA ILE A 151 -6.26 -8.56 -12.05
C ILE A 151 -6.68 -9.71 -11.14
N GLY A 152 -7.97 -9.82 -10.84
CA GLY A 152 -8.48 -10.94 -10.06
C GLY A 152 -8.67 -10.66 -8.58
N ASP A 153 -8.63 -9.40 -8.16
CA ASP A 153 -8.83 -9.02 -6.76
C ASP A 153 -10.30 -8.67 -6.59
N THR A 154 -11.05 -9.53 -5.90
CA THR A 154 -12.47 -9.31 -5.67
C THR A 154 -12.76 -8.66 -4.34
N THR A 155 -11.73 -8.33 -3.56
CA THR A 155 -11.85 -7.77 -2.22
C THR A 155 -11.68 -6.26 -2.19
N PHE A 156 -10.68 -5.75 -2.90
CA PHE A 156 -10.37 -4.31 -2.86
C PHE A 156 -11.59 -3.49 -3.23
N ARG A 157 -11.83 -2.42 -2.48
CA ARG A 157 -12.81 -1.43 -2.92
C ARG A 157 -12.32 -0.05 -2.56
N LEU A 158 -12.30 0.86 -3.54
CA LEU A 158 -12.15 2.28 -3.24
C LEU A 158 -13.48 2.95 -3.56
N ASP A 159 -13.91 3.84 -2.67
CA ASP A 159 -15.26 4.40 -2.73
C ASP A 159 -15.25 5.92 -2.74
N ARG A 160 -14.22 6.51 -2.14
CA ARG A 160 -14.16 7.95 -1.92
C ARG A 160 -12.82 8.50 -2.40
N TRP A 161 -12.70 9.82 -2.38
CA TRP A 161 -11.50 10.54 -2.78
C TRP A 161 -10.73 10.98 -1.54
N GLU A 162 -9.53 11.52 -1.76
CA GLU A 162 -8.81 12.16 -0.67
C GLU A 162 -9.49 13.49 -0.36
N LEU A 163 -9.66 13.81 0.94
CA LEU A 163 -9.15 13.06 2.08
C LEU A 163 -10.25 12.22 2.75
N GLU A 164 -11.47 12.24 2.19
CA GLU A 164 -12.60 11.63 2.88
C GLU A 164 -12.42 10.13 3.09
N LEU A 165 -11.64 9.48 2.22
CA LEU A 165 -11.48 8.02 2.29
C LEU A 165 -10.75 7.56 3.54
N ASN A 166 -10.20 8.48 4.34
CA ASN A 166 -9.43 8.11 5.53
C ASN A 166 -10.25 8.00 6.81
N SER A 167 -11.59 8.06 6.72
CA SER A 167 -12.39 8.16 7.94
C SER A 167 -12.25 6.94 8.84
N ALA A 168 -11.95 5.76 8.27
CA ALA A 168 -11.61 4.56 9.04
C ALA A 168 -12.67 4.20 10.08
N ILE A 169 -13.93 4.42 9.73
CA ILE A 169 -15.02 4.21 10.69
C ILE A 169 -15.12 2.72 11.01
N PRO A 170 -15.20 2.34 12.30
CA PRO A 170 -15.35 0.91 12.63
C PRO A 170 -16.57 0.30 11.96
N GLY A 171 -16.35 -0.85 11.28
CA GLY A 171 -17.42 -1.57 10.63
C GLY A 171 -17.75 -1.11 9.23
N ASP A 172 -17.15 -0.01 8.77
CA ASP A 172 -17.42 0.55 7.45
C ASP A 172 -16.52 -0.14 6.44
N ALA A 173 -17.11 -0.77 5.43
CA ALA A 173 -16.35 -1.46 4.39
C ALA A 173 -15.82 -0.52 3.30
N ARG A 174 -16.26 0.73 3.26
CA ARG A 174 -15.78 1.63 2.22
C ARG A 174 -14.27 1.80 2.33
N ASP A 175 -13.60 1.81 1.17
CA ASP A 175 -12.17 2.12 1.10
C ASP A 175 -11.35 1.14 1.95
N THR A 176 -11.64 -0.15 1.78
CA THR A 176 -10.94 -1.19 2.53
C THR A 176 -10.48 -2.30 1.59
N SER A 177 -9.56 -3.10 2.10
CA SER A 177 -9.27 -4.40 1.53
C SER A 177 -8.76 -5.27 2.66
N SER A 178 -8.34 -6.48 2.32
CA SER A 178 -7.78 -7.36 3.34
C SER A 178 -6.28 -7.48 3.12
N PRO A 179 -5.52 -7.75 4.19
CA PRO A 179 -4.08 -8.01 4.02
C PRO A 179 -3.76 -9.08 2.99
N ARG A 180 -4.55 -10.16 2.93
CA ARG A 180 -4.27 -11.20 1.94
C ARG A 180 -4.45 -10.67 0.52
N ALA A 181 -5.57 -9.98 0.25
CA ALA A 181 -5.79 -9.51 -1.10
C ALA A 181 -4.77 -8.45 -1.50
N VAL A 182 -4.40 -7.59 -0.56
CA VAL A 182 -3.33 -6.62 -0.82
C VAL A 182 -2.04 -7.33 -1.23
N THR A 183 -1.66 -8.37 -0.47
CA THR A 183 -0.44 -9.10 -0.79
C THR A 183 -0.57 -9.83 -2.12
N GLU A 184 -1.71 -10.46 -2.38
CA GLU A 184 -1.89 -11.19 -3.63
C GLU A 184 -1.83 -10.25 -4.82
N SER A 185 -2.47 -9.09 -4.70
CA SER A 185 -2.41 -8.12 -5.79
C SER A 185 -1.03 -7.51 -5.95
N LEU A 186 -0.35 -7.23 -4.83
CA LEU A 186 1.02 -6.72 -4.92
C LEU A 186 1.92 -7.71 -5.64
N GLN A 187 1.81 -9.00 -5.32
N GLN A 187 1.81 -9.00 -5.31
CA GLN A 187 2.63 -10.01 -5.99
CA GLN A 187 2.62 -10.01 -5.98
C GLN A 187 2.37 -10.03 -7.49
C GLN A 187 2.38 -10.01 -7.49
N LYS A 188 1.10 -9.99 -7.89
CA LYS A 188 0.77 -10.03 -9.31
C LYS A 188 1.38 -8.84 -10.06
N LEU A 189 1.40 -7.67 -9.41
CA LEU A 189 1.83 -6.44 -10.08
C LEU A 189 3.35 -6.28 -10.10
N THR A 190 4.05 -6.74 -9.07
CA THR A 190 5.50 -6.55 -8.97
C THR A 190 6.31 -7.74 -9.42
N LEU A 191 5.77 -8.95 -9.32
CA LEU A 191 6.49 -10.17 -9.64
C LEU A 191 5.80 -11.04 -10.67
N GLY A 192 4.48 -10.94 -10.78
CA GLY A 192 3.71 -11.74 -11.71
C GLY A 192 3.58 -11.05 -13.06
N SER A 193 2.49 -11.36 -13.76
CA SER A 193 2.31 -10.92 -15.13
C SER A 193 1.20 -9.89 -15.29
N ALA A 194 0.73 -9.30 -14.19
CA ALA A 194 -0.37 -8.34 -14.28
C ALA A 194 0.04 -7.08 -15.05
N LEU A 195 1.33 -6.74 -15.03
CA LEU A 195 1.87 -5.63 -15.82
C LEU A 195 2.92 -6.19 -16.78
N ALA A 196 3.04 -5.55 -17.95
CA ALA A 196 4.14 -5.90 -18.84
C ALA A 196 5.47 -5.58 -18.17
N ALA A 197 6.52 -6.29 -18.58
CA ALA A 197 7.82 -6.18 -17.94
C ALA A 197 8.33 -4.76 -17.74
N PRO A 198 8.33 -3.86 -18.75
CA PRO A 198 8.80 -2.49 -18.47
C PRO A 198 7.99 -1.77 -17.41
N GLN A 199 6.66 -1.88 -17.49
CA GLN A 199 5.81 -1.20 -16.51
C GLN A 199 5.97 -1.84 -15.12
N ARG A 200 6.15 -3.16 -15.09
CA ARG A 200 6.38 -3.85 -13.82
C ARG A 200 7.62 -3.31 -13.12
N GLN A 201 8.73 -3.16 -13.87
CA GLN A 201 9.95 -2.65 -13.26
C GLN A 201 9.78 -1.20 -12.79
N GLN A 202 9.00 -0.40 -13.54
CA GLN A 202 8.76 0.97 -13.11
C GLN A 202 7.98 1.00 -11.79
N PHE A 203 6.98 0.13 -11.66
CA PHE A 203 6.23 0.04 -10.41
C PHE A 203 7.15 -0.35 -9.25
N VAL A 204 7.98 -1.37 -9.46
CA VAL A 204 8.97 -1.76 -8.47
C VAL A 204 9.89 -0.59 -8.13
N ASP A 205 10.36 0.13 -9.15
CA ASP A 205 11.29 1.23 -8.91
C ASP A 205 10.63 2.34 -8.09
N TRP A 206 9.36 2.66 -8.40
CA TRP A 206 8.65 3.65 -7.60
C TRP A 206 8.55 3.19 -6.15
N LEU A 207 8.19 1.92 -5.92
CA LEU A 207 8.05 1.42 -4.56
C LEU A 207 9.39 1.42 -3.83
N LYS A 208 10.45 1.05 -4.53
CA LYS A 208 11.77 1.06 -3.91
C LYS A 208 12.17 2.46 -3.46
N GLY A 209 11.69 3.49 -4.17
CA GLY A 209 11.98 4.87 -3.86
C GLY A 209 11.06 5.51 -2.84
N ASN A 210 10.17 4.75 -2.19
CA ASN A 210 9.30 5.35 -1.20
C ASN A 210 10.10 5.99 -0.07
N THR A 211 9.64 7.17 0.37
CA THR A 211 10.31 7.90 1.44
C THR A 211 9.59 7.85 2.78
N THR A 212 8.37 7.30 2.85
CA THR A 212 7.53 7.41 4.03
C THR A 212 7.57 6.17 4.93
N GLY A 213 8.29 5.12 4.55
CA GLY A 213 8.16 3.86 5.25
C GLY A 213 9.37 3.37 6.01
N ASN A 214 10.29 4.28 6.37
CA ASN A 214 11.53 3.84 7.00
C ASN A 214 11.31 3.21 8.36
N HIS A 215 10.21 3.50 9.03
CA HIS A 215 9.95 2.98 10.37
C HIS A 215 8.94 1.84 10.39
N ARG A 216 8.58 1.32 9.23
CA ARG A 216 7.60 0.24 9.18
C ARG A 216 8.25 -1.06 8.71
N ILE A 217 7.82 -1.62 7.59
CA ILE A 217 8.40 -2.90 7.16
C ILE A 217 9.90 -2.78 6.98
N ARG A 218 10.37 -1.63 6.50
CA ARG A 218 11.81 -1.44 6.29
C ARG A 218 12.60 -1.58 7.58
N ALA A 219 12.02 -1.16 8.71
CA ALA A 219 12.72 -1.29 9.99
C ALA A 219 12.82 -2.73 10.45
N ALA A 220 12.13 -3.65 9.78
CA ALA A 220 12.08 -5.04 10.20
C ALA A 220 13.01 -5.94 9.41
N VAL A 221 13.66 -5.44 8.37
CA VAL A 221 14.47 -6.28 7.49
C VAL A 221 15.95 -5.96 7.63
N PRO A 222 16.85 -6.90 7.32
CA PRO A 222 18.28 -6.59 7.34
C PRO A 222 18.65 -5.49 6.35
N ALA A 223 19.76 -4.80 6.65
CA ALA A 223 20.13 -3.61 5.90
C ALA A 223 20.45 -3.91 4.44
N ASP A 224 20.86 -5.14 4.13
CA ASP A 224 21.23 -5.47 2.76
C ASP A 224 20.06 -5.90 1.88
N TRP A 225 18.86 -6.04 2.44
CA TRP A 225 17.69 -6.44 1.64
C TRP A 225 17.15 -5.25 0.87
N ALA A 226 16.81 -5.48 -0.40
CA ALA A 226 16.09 -4.50 -1.18
C ALA A 226 14.63 -4.51 -0.77
N VAL A 227 14.02 -3.32 -0.72
CA VAL A 227 12.63 -3.19 -0.27
C VAL A 227 11.92 -2.17 -1.14
N GLY A 228 10.71 -2.51 -1.56
CA GLY A 228 9.80 -1.53 -2.11
C GLY A 228 8.53 -1.58 -1.28
N ASP A 229 7.97 -0.44 -0.87
CA ASP A 229 6.81 -0.48 -0.02
C ASP A 229 5.91 0.72 -0.30
N LYS A 230 4.68 0.61 0.21
CA LYS A 230 3.75 1.75 0.24
C LYS A 230 3.04 1.76 1.59
N THR A 231 3.07 2.90 2.26
CA THR A 231 2.46 3.07 3.57
C THR A 231 1.04 3.63 3.44
N GLY A 232 0.30 3.54 4.54
CA GLY A 232 -0.97 4.22 4.68
C GLY A 232 -1.13 4.72 6.11
N THR A 233 -1.66 5.93 6.29
CA THR A 233 -1.88 6.48 7.63
C THR A 233 -3.18 7.27 7.57
N CYS A 234 -4.24 6.73 8.19
CA CYS A 234 -5.55 7.40 8.16
C CYS A 234 -5.63 8.56 9.14
N GLY A 235 -4.83 8.53 10.21
CA GLY A 235 -4.85 9.61 11.17
C GLY A 235 -5.86 9.47 12.29
N VAL A 236 -6.66 8.40 12.29
CA VAL A 236 -7.72 8.20 13.28
C VAL A 236 -7.83 6.71 13.51
N TYR A 237 -8.44 6.34 14.63
CA TYR A 237 -8.80 4.95 14.91
C TYR A 237 -7.59 4.03 14.86
N GLY A 238 -6.42 4.52 15.28
CA GLY A 238 -5.20 3.73 15.29
C GLY A 238 -4.92 3.01 13.99
N THR A 239 -5.32 3.62 12.87
CA THR A 239 -5.35 2.94 11.58
C THR A 239 -4.15 3.38 10.73
N ALA A 240 -3.26 2.43 10.47
CA ALA A 240 -2.09 2.68 9.63
C ALA A 240 -1.65 1.33 9.09
N ASN A 241 -0.79 1.36 8.07
CA ASN A 241 -0.46 0.11 7.40
C ASN A 241 0.78 0.29 6.54
N ASP A 242 1.23 -0.84 5.98
CA ASP A 242 2.36 -0.86 5.09
C ASP A 242 2.32 -2.18 4.34
N TYR A 243 2.63 -2.15 3.05
CA TYR A 243 2.80 -3.38 2.30
C TYR A 243 4.10 -3.28 1.51
N ALA A 244 4.70 -4.44 1.23
CA ALA A 244 6.04 -4.41 0.68
C ALA A 244 6.36 -5.70 -0.06
N VAL A 245 7.25 -5.57 -1.04
CA VAL A 245 8.01 -6.69 -1.60
C VAL A 245 9.44 -6.50 -1.13
N VAL A 246 10.01 -7.55 -0.54
CA VAL A 246 11.38 -7.49 -0.04
C VAL A 246 12.18 -8.61 -0.66
N TRP A 247 13.43 -8.33 -1.00
CA TRP A 247 14.32 -9.30 -1.64
C TRP A 247 15.47 -9.61 -0.69
N PRO A 248 15.45 -10.74 -0.01
CA PRO A 248 16.67 -11.17 0.68
C PRO A 248 17.77 -11.38 -0.35
N THR A 249 19.00 -11.02 0.04
CA THR A 249 20.12 -11.12 -0.89
C THR A 249 20.28 -12.55 -1.40
N GLY A 250 20.23 -12.71 -2.72
CA GLY A 250 20.43 -14.00 -3.34
C GLY A 250 19.29 -14.99 -3.19
N ARG A 251 18.12 -14.55 -2.72
CA ARG A 251 16.99 -15.45 -2.48
C ARG A 251 15.71 -14.88 -3.08
N ALA A 252 14.69 -15.72 -3.13
CA ALA A 252 13.41 -15.34 -3.72
C ALA A 252 12.69 -14.32 -2.83
N PRO A 253 11.96 -13.39 -3.44
CA PRO A 253 11.34 -12.32 -2.65
C PRO A 253 10.20 -12.80 -1.78
N ILE A 254 9.92 -11.99 -0.75
CA ILE A 254 8.76 -12.15 0.12
C ILE A 254 7.83 -10.95 -0.12
N VAL A 255 6.53 -11.21 -0.13
CA VAL A 255 5.51 -10.17 -0.25
C VAL A 255 4.68 -10.20 1.02
N LEU A 256 4.41 -9.04 1.60
CA LEU A 256 3.70 -9.00 2.87
C LEU A 256 2.92 -7.70 3.03
N ALA A 257 1.89 -7.76 3.87
CA ALA A 257 1.07 -6.61 4.18
C ALA A 257 0.78 -6.63 5.67
N VAL A 258 0.86 -5.46 6.30
CA VAL A 258 0.56 -5.29 7.71
C VAL A 258 -0.39 -4.11 7.82
N TYR A 259 -1.59 -4.36 8.37
CA TYR A 259 -2.63 -3.36 8.53
C TYR A 259 -3.08 -3.35 9.98
N THR A 260 -3.38 -2.17 10.52
CA THR A 260 -3.87 -2.04 11.88
C THR A 260 -5.09 -1.14 11.93
N ARG A 261 -5.90 -1.33 12.98
N ARG A 261 -5.89 -1.32 12.98
CA ARG A 261 -6.98 -0.42 13.34
CA ARG A 261 -6.95 -0.40 13.34
C ARG A 261 -7.27 -0.61 14.82
C ARG A 261 -7.14 -0.52 14.85
N ALA A 262 -8.04 0.31 15.39
CA ALA A 262 -8.30 0.30 16.83
C ALA A 262 -9.70 0.87 17.04
N PRO A 263 -10.30 0.62 18.21
CA PRO A 263 -11.73 0.93 18.37
C PRO A 263 -12.08 2.40 18.53
N ASN A 264 -11.20 3.24 19.10
CA ASN A 264 -11.54 4.61 19.45
C ASN A 264 -10.94 5.58 18.44
N LYS A 265 -11.68 6.64 18.11
CA LYS A 265 -11.22 7.55 17.08
C LYS A 265 -9.87 8.17 17.46
N ASP A 266 -9.66 8.48 18.73
N ASP A 266 -9.67 8.47 18.74
CA ASP A 266 -8.42 9.10 19.17
CA ASP A 266 -8.46 9.09 19.25
C ASP A 266 -7.32 8.11 19.50
C ASP A 266 -7.31 8.12 19.43
N ASP A 267 -7.53 6.82 19.24
CA ASP A 267 -6.45 5.85 19.39
C ASP A 267 -5.36 6.16 18.38
N LYS A 268 -4.11 6.12 18.81
CA LYS A 268 -2.99 6.45 17.94
C LYS A 268 -2.48 5.21 17.23
N HIS A 269 -2.07 5.38 15.98
CA HIS A 269 -1.40 4.28 15.30
C HIS A 269 0.01 4.13 15.84
N SER A 270 0.65 3.01 15.50
CA SER A 270 2.01 2.74 15.97
C SER A 270 2.86 2.18 14.84
N GLU A 271 3.89 2.94 14.43
CA GLU A 271 4.83 2.40 13.46
C GLU A 271 5.60 1.23 14.04
N ALA A 272 5.97 1.30 15.32
CA ALA A 272 6.70 0.20 15.96
C ALA A 272 5.90 -1.10 15.91
N VAL A 273 4.59 -1.01 16.09
CA VAL A 273 3.75 -2.20 16.03
C VAL A 273 3.77 -2.80 14.63
N ILE A 274 3.72 -1.96 13.60
CA ILE A 274 3.79 -2.46 12.23
C ILE A 274 5.11 -3.17 11.98
N ALA A 275 6.22 -2.55 12.41
CA ALA A 275 7.53 -3.18 12.22
C ALA A 275 7.63 -4.49 13.01
N ALA A 276 7.09 -4.50 14.23
CA ALA A 276 7.12 -5.72 15.03
C ALA A 276 6.30 -6.84 14.38
N ALA A 277 5.16 -6.47 13.79
CA ALA A 277 4.34 -7.49 13.12
C ALA A 277 5.05 -8.03 11.88
N ALA A 278 5.74 -7.16 11.15
CA ALA A 278 6.52 -7.63 10.00
C ALA A 278 7.62 -8.59 10.46
N ARG A 279 8.27 -8.28 11.58
CA ARG A 279 9.30 -9.19 12.09
C ARG A 279 8.72 -10.55 12.43
N LEU A 280 7.55 -10.56 13.09
CA LEU A 280 6.93 -11.83 13.44
C LEU A 280 6.56 -12.61 12.20
N ALA A 281 6.04 -11.93 11.18
CA ALA A 281 5.69 -12.62 9.93
C ALA A 281 6.91 -13.26 9.30
N LEU A 282 8.01 -12.50 9.20
CA LEU A 282 9.24 -13.05 8.63
C LEU A 282 9.79 -14.17 9.49
N GLU A 283 9.71 -14.03 10.82
CA GLU A 283 10.12 -15.11 11.70
C GLU A 283 9.28 -16.37 11.44
N GLY A 284 7.96 -16.21 11.31
CA GLY A 284 7.12 -17.36 11.03
C GLY A 284 7.47 -18.05 9.73
N LEU A 285 7.71 -17.28 8.67
CA LEU A 285 8.16 -17.85 7.41
C LEU A 285 9.52 -18.52 7.51
N GLY A 286 10.28 -18.23 8.58
CA GLY A 286 11.59 -18.83 8.74
C GLY A 286 12.70 -18.10 8.02
N VAL A 287 12.54 -16.81 7.74
CA VAL A 287 13.58 -16.02 7.10
C VAL A 287 14.25 -15.18 8.18
N ASN A 288 15.54 -15.45 8.41
CA ASN A 288 16.31 -14.84 9.49
C ASN A 288 16.79 -13.44 9.11
C01 CE4 B . 3.27 8.83 6.48
C02 CE4 B . 2.33 9.42 5.68
C03 CE4 B . 2.44 10.95 5.45
C05 CE4 B . -0.03 10.94 4.49
C06 CE4 B . -1.56 11.42 4.63
C08 CE4 B . -2.42 12.21 6.77
C10 CE4 B . -3.16 11.91 8.03
C13 CE4 B . -0.59 11.40 10.39
C14 CE4 B . -4.62 12.07 7.98
C15 CE4 B . -5.41 11.99 6.84
C17 CE4 B . -6.62 12.50 8.89
C20 CE4 B . -2.37 10.68 3.58
C24 CE4 B . 1.14 8.80 5.13
C25 CE4 B . 1.41 7.44 4.72
N07 CE4 B . -2.20 11.19 5.93
N11 CE4 B . -2.55 11.57 9.17
N18 CE4 B . -7.54 12.78 9.83
N19 CE4 B . -5.33 12.38 9.13
N23 CE4 B . 0.14 9.40 4.65
O09 CE4 B . -2.09 13.37 6.51
O12 CE4 B . -1.16 11.49 9.06
O21 CE4 B . -3.54 10.36 3.91
O22 CE4 B . -1.83 10.43 2.49
O26 CE4 B . 1.46 6.58 5.61
O27 CE4 B . 1.53 7.20 3.51
S04 CE4 B . 0.93 11.82 5.77
S16 CE4 B . -7.07 12.28 7.21
C01 CE4 C . -10.22 11.04 8.99
C02 CE4 C . -10.94 12.03 8.42
C03 CE4 C . -11.19 11.97 6.89
C05 CE4 C . -12.50 14.29 6.99
C06 CE4 C . -12.60 15.87 6.60
C08 CE4 C . -10.56 17.13 6.00
C10 CE4 C . -9.42 17.92 6.54
C13 CE4 C . -11.04 20.95 7.17
C14 CE4 C . -8.11 17.30 6.76
C15 CE4 C . -7.82 15.96 6.65
C17 CE4 C . -5.93 17.39 7.26
C20 CE4 C . -13.78 16.44 7.38
C24 CE4 C . -11.51 13.21 9.07
C25 CE4 C . -11.22 13.24 10.54
N07 CE4 C . -11.40 16.64 6.93
N11 CE4 C . -9.58 19.20 6.83
N18 CE4 C . -4.73 17.89 7.59
N19 CE4 C . -7.04 18.11 7.11
N23 CE4 C . -12.32 14.02 8.53
O09 CE4 C . -10.72 16.96 4.79
O12 CE4 C . -10.88 19.66 6.58
O21 CE4 C . -13.57 17.43 8.10
O22 CE4 C . -14.86 15.83 7.24
O26 CE4 C . -12.10 12.86 11.33
O27 CE4 C . -10.11 13.67 10.92
S04 CE4 C . -11.10 13.56 6.07
S16 CE4 C . -6.15 15.69 6.99
C1 GOL D . 15.02 -6.38 -7.87
O1 GOL D . 15.32 -5.81 -6.62
C2 GOL D . 14.11 -5.43 -8.67
O2 GOL D . 14.90 -4.62 -9.50
C3 GOL D . 13.12 -6.23 -9.49
O3 GOL D . 13.82 -6.99 -10.45
#